data_6FQQ
#
_entry.id   6FQQ
#
_cell.length_a   60.058
_cell.length_b   93.016
_cell.length_c   100.711
_cell.angle_alpha   90.000
_cell.angle_beta   90.000
_cell.angle_gamma   90.000
#
_symmetry.space_group_name_H-M   'P 21 21 21'
#
loop_
_entity.id
_entity.type
_entity.pdbx_description
1 polymer 'Homeobox protein TGIF1'
2 polymer "DNA (5'-D(P*AP*TP*TP*GP*AP*CP*AP*GP*CP*TP*GP*TP*CP*AP*AP*T)-3')"
3 non-polymer 'CHLORIDE ION'
4 water water
#
loop_
_entity_poly.entity_id
_entity_poly.type
_entity_poly.pdbx_seq_one_letter_code
_entity_poly.pdbx_strand_id
1 'polypeptide(L)' GPGSGKRRAAGNLPKESVQILRDWLYEHRYNAYPSEQEKALLSQQTHLSTLQVCNWFINARRRLLPDMLRK A,B,D,E
2 'polydeoxyribonucleotide' (DA)(DT)(DT)(DG)(DA)(DC)(DA)(DG)(DC)(DT)(DG)(DT)(DC)(DA)(DA)(DT) L,M,G,H
#
loop_
_chem_comp.id
_chem_comp.type
_chem_comp.name
_chem_comp.formula
CL non-polymer 'CHLORIDE ION' 'Cl -1'
DA DNA linking 2'-DEOXYADENOSINE-5'-MONOPHOSPHATE 'C10 H14 N5 O6 P'
DC DNA linking 2'-DEOXYCYTIDINE-5'-MONOPHOSPHATE 'C9 H14 N3 O7 P'
DG DNA linking 2'-DEOXYGUANOSINE-5'-MONOPHOSPHATE 'C10 H14 N5 O7 P'
DT DNA linking THYMIDINE-5'-MONOPHOSPHATE 'C10 H15 N2 O8 P'
#
# COMPACT_ATOMS: atom_id res chain seq x y z
N ASN A 12 -14.26 -8.95 29.54
CA ASN A 12 -13.53 -9.03 30.81
C ASN A 12 -12.96 -10.35 31.25
N LEU A 13 -12.00 -10.20 32.13
CA LEU A 13 -11.32 -11.30 32.76
C LEU A 13 -12.15 -11.84 33.93
N PRO A 14 -12.07 -13.16 34.17
CA PRO A 14 -12.71 -13.76 35.34
C PRO A 14 -12.24 -13.13 36.65
N LYS A 15 -13.20 -12.80 37.53
CA LYS A 15 -12.85 -12.26 38.84
C LYS A 15 -11.87 -13.17 39.59
N GLU A 16 -12.01 -14.49 39.44
CA GLU A 16 -11.22 -15.47 40.19
C GLU A 16 -9.77 -15.60 39.70
N SER A 17 -9.54 -15.51 38.40
CA SER A 17 -8.17 -15.56 37.89
C SER A 17 -7.35 -14.37 38.34
N VAL A 18 -7.95 -13.18 38.31
CA VAL A 18 -7.23 -11.96 38.63
C VAL A 18 -6.75 -11.98 40.07
N GLN A 19 -7.53 -12.56 40.99
CA GLN A 19 -7.02 -12.61 42.35
C GLN A 19 -5.80 -13.52 42.43
N ILE A 20 -5.76 -14.59 41.63
CA ILE A 20 -4.52 -15.39 41.56
C ILE A 20 -3.36 -14.54 41.06
N LEU A 21 -3.57 -13.86 39.94
CA LEU A 21 -2.51 -13.04 39.37
C LEU A 21 -2.11 -11.95 40.34
N ARG A 22 -3.11 -11.29 40.95
CA ARG A 22 -2.84 -10.32 42.00
C ARG A 22 -2.00 -10.95 43.11
N ASP A 23 -2.30 -12.19 43.49
CA ASP A 23 -1.57 -12.79 44.60
C ASP A 23 -0.13 -13.12 44.22
N TRP A 24 0.07 -13.83 43.11
CA TRP A 24 1.44 -14.07 42.67
C TRP A 24 2.19 -12.76 42.60
N LEU A 25 1.55 -11.74 42.03
CA LEU A 25 2.23 -10.45 41.86
C LEU A 25 2.68 -9.90 43.22
N TYR A 26 1.76 -9.84 44.19
CA TYR A 26 2.13 -9.33 45.50
C TYR A 26 3.25 -10.17 46.12
N GLU A 27 3.10 -11.49 46.07
CA GLU A 27 4.12 -12.38 46.60
C GLU A 27 5.47 -12.12 45.94
N HIS A 28 5.48 -11.58 44.72
CA HIS A 28 6.72 -11.31 44.00
C HIS A 28 6.80 -9.86 43.56
N ARG A 29 6.47 -8.92 44.44
CA ARG A 29 6.32 -7.53 44.01
C ARG A 29 7.64 -6.86 43.63
N TYR A 30 8.79 -7.32 44.18
CA TYR A 30 10.10 -6.74 43.85
C TYR A 30 10.87 -7.49 42.76
N ASN A 31 10.26 -8.52 42.16
CA ASN A 31 10.74 -9.37 41.07
C ASN A 31 9.51 -9.87 40.32
N ALA A 32 8.75 -8.91 39.79
CA ALA A 32 7.49 -9.19 39.11
C ALA A 32 7.68 -9.79 37.72
N TYR A 33 8.50 -10.83 37.57
CA TYR A 33 8.82 -11.43 36.27
C TYR A 33 8.74 -12.94 36.33
N PRO A 34 7.57 -13.51 36.03
CA PRO A 34 7.42 -14.96 36.08
C PRO A 34 8.25 -15.59 34.99
N SER A 35 8.92 -16.68 35.33
CA SER A 35 9.73 -17.36 34.34
C SER A 35 8.84 -17.78 33.20
N GLU A 36 9.49 -18.24 32.13
CA GLU A 36 8.73 -18.75 30.99
C GLU A 36 7.76 -19.81 31.48
N GLN A 37 8.24 -20.68 32.37
CA GLN A 37 7.43 -21.78 32.89
C GLN A 37 6.36 -21.31 33.89
N GLU A 38 6.70 -20.37 34.79
CA GLU A 38 5.68 -19.81 35.68
C GLU A 38 4.53 -19.23 34.91
N LYS A 39 4.82 -18.55 33.81
CA LYS A 39 3.73 -18.08 32.96
C LYS A 39 2.84 -19.23 32.52
N ALA A 40 3.44 -20.39 32.20
CA ALA A 40 2.62 -21.58 31.95
C ALA A 40 1.89 -22.04 33.21
N LEU A 41 2.58 -22.02 34.36
CA LEU A 41 1.99 -22.47 35.62
C LEU A 41 0.82 -21.59 36.02
N LEU A 42 0.96 -20.28 35.82
CA LEU A 42 -0.14 -19.39 36.16
C LEU A 42 -1.21 -19.45 35.08
N SER A 43 -0.80 -19.62 33.82
CA SER A 43 -1.75 -19.90 32.75
C SER A 43 -2.53 -21.16 33.08
N GLN A 44 -1.83 -22.21 33.52
CA GLN A 44 -2.53 -23.42 33.90
C GLN A 44 -3.38 -23.16 35.14
N GLN A 45 -2.83 -22.42 36.10
CA GLN A 45 -3.55 -22.09 37.34
C GLN A 45 -4.73 -21.13 37.13
N THR A 46 -4.71 -20.26 36.11
CA THR A 46 -5.77 -19.26 35.93
C THR A 46 -6.69 -19.57 34.77
N HIS A 47 -6.36 -20.57 33.95
CA HIS A 47 -7.16 -20.93 32.78
C HIS A 47 -7.29 -19.74 31.82
N LEU A 48 -6.21 -18.97 31.74
CA LEU A 48 -6.05 -17.92 30.75
C LEU A 48 -4.85 -18.30 29.90
N SER A 49 -4.91 -17.90 28.65
CA SER A 49 -3.82 -18.13 27.73
C SER A 49 -2.53 -17.47 28.21
N THR A 50 -1.39 -18.00 27.77
CA THR A 50 -0.14 -17.34 28.13
C THR A 50 -0.07 -15.94 27.51
N LEU A 51 -0.83 -15.71 26.43
CA LEU A 51 -0.95 -14.37 25.87
C LEU A 51 -1.64 -13.45 26.89
N GLN A 52 -2.77 -13.89 27.41
CA GLN A 52 -3.47 -13.08 28.41
C GLN A 52 -2.61 -12.87 29.67
N VAL A 53 -1.84 -13.88 30.10
CA VAL A 53 -1.04 -13.70 31.31
C VAL A 53 0.18 -12.81 31.02
N CYS A 54 0.88 -13.05 29.91
CA CYS A 54 1.93 -12.10 29.52
C CYS A 54 1.36 -10.70 29.50
N ASN A 55 0.16 -10.55 28.96
CA ASN A 55 -0.46 -9.23 28.88
C ASN A 55 -0.76 -8.68 30.26
N TRP A 56 -1.51 -9.45 31.06
CA TRP A 56 -1.89 -9.02 32.40
C TRP A 56 -0.67 -8.52 33.16
N PHE A 57 0.46 -9.21 32.99
CA PHE A 57 1.65 -8.74 33.69
C PHE A 57 2.16 -7.46 33.09
N ILE A 58 2.19 -7.37 31.76
CA ILE A 58 2.54 -6.11 31.11
C ILE A 58 1.66 -4.98 31.63
N ASN A 59 0.34 -5.24 31.74
CA ASN A 59 -0.60 -4.24 32.25
C ASN A 59 -0.40 -4.05 33.74
N ALA A 60 -0.37 -5.16 34.48
CA ALA A 60 -0.36 -5.09 35.95
C ALA A 60 0.89 -4.39 36.50
N ARG A 61 2.05 -4.62 35.88
CA ARG A 61 3.27 -3.95 36.33
C ARG A 61 3.09 -2.44 36.28
N ARG A 62 2.31 -1.94 35.31
CA ARG A 62 2.03 -0.51 35.25
C ARG A 62 0.96 -0.07 36.25
N ARG A 63 -0.14 -0.82 36.34
CA ARG A 63 -1.38 -0.33 36.91
C ARG A 63 -1.64 -0.82 38.34
N LEU A 64 -1.28 -2.05 38.68
CA LEU A 64 -1.57 -2.56 40.03
C LEU A 64 -0.34 -2.60 40.92
N LEU A 65 0.84 -2.77 40.33
CA LEU A 65 2.07 -2.93 41.10
C LEU A 65 2.46 -1.69 41.90
N PRO A 66 2.47 -0.48 41.33
CA PRO A 66 2.86 0.69 42.14
C PRO A 66 2.09 0.81 43.45
N ASP A 67 0.76 0.66 43.43
CA ASP A 67 0.00 0.69 44.67
C ASP A 67 0.41 -0.40 45.64
N MET A 68 1.01 -1.48 45.14
CA MET A 68 1.49 -2.53 46.02
C MET A 68 2.85 -2.16 46.57
N LEU A 69 3.76 -1.74 45.69
CA LEU A 69 5.06 -1.28 46.17
C LEU A 69 4.93 -0.04 47.05
N ARG A 70 3.80 0.68 46.98
CA ARG A 70 3.50 1.83 47.84
C ARG A 70 3.06 1.31 49.20
N LYS A 71 4.03 0.85 49.97
CA LYS A 71 3.79 0.33 51.31
C LYS A 71 4.96 0.66 52.23
N GLY D 11 18.92 -20.58 10.67
CA GLY D 11 18.29 -20.58 9.36
C GLY D 11 17.68 -19.25 8.95
N ASN D 12 18.20 -18.66 7.88
CA ASN D 12 17.88 -17.30 7.45
C ASN D 12 16.78 -17.31 6.39
N LEU D 13 16.14 -16.16 6.21
CA LEU D 13 14.97 -16.09 5.34
C LEU D 13 15.38 -16.16 3.86
N PRO D 14 14.52 -16.71 3.02
CA PRO D 14 14.82 -16.74 1.57
C PRO D 14 15.13 -15.35 1.06
N LYS D 15 16.27 -15.23 0.37
CA LYS D 15 16.67 -13.96 -0.21
C LYS D 15 15.56 -13.37 -1.10
N GLU D 16 14.79 -14.22 -1.78
CA GLU D 16 13.70 -13.68 -2.59
C GLU D 16 12.60 -13.15 -1.69
N SER D 17 12.38 -13.82 -0.55
CA SER D 17 11.44 -13.29 0.44
C SER D 17 11.95 -11.98 0.99
N VAL D 18 13.24 -11.91 1.30
CA VAL D 18 13.81 -10.65 1.76
C VAL D 18 13.77 -9.62 0.63
N GLN D 19 13.92 -10.04 -0.62
CA GLN D 19 13.84 -9.06 -1.70
C GLN D 19 12.43 -8.50 -1.80
N ILE D 20 11.41 -9.33 -1.62
CA ILE D 20 10.03 -8.83 -1.63
C ILE D 20 9.81 -7.85 -0.49
N LEU D 21 10.26 -8.20 0.72
CA LEU D 21 10.12 -7.28 1.86
C LEU D 21 10.96 -6.03 1.69
N ARG D 22 12.25 -6.19 1.36
CA ARG D 22 13.13 -5.04 1.19
C ARG D 22 12.57 -4.06 0.18
N ASP D 23 11.98 -4.60 -0.89
CA ASP D 23 11.46 -3.75 -1.96
C ASP D 23 10.24 -2.97 -1.48
N TRP D 24 9.29 -3.65 -0.83
CA TRP D 24 8.16 -2.95 -0.26
C TRP D 24 8.60 -1.80 0.60
N LEU D 25 9.59 -2.05 1.48
CA LEU D 25 10.06 -1.02 2.41
C LEU D 25 10.49 0.23 1.67
N TYR D 26 11.35 0.06 0.68
CA TYR D 26 11.81 1.20 -0.10
C TYR D 26 10.65 1.89 -0.80
N GLU D 27 9.78 1.11 -1.46
CA GLU D 27 8.62 1.65 -2.18
C GLU D 27 7.65 2.45 -1.30
N HIS D 28 7.67 2.25 0.03
CA HIS D 28 6.77 2.99 0.92
C HIS D 28 7.47 3.78 2.02
N ARG D 29 8.48 4.58 1.69
CA ARG D 29 9.31 5.14 2.73
C ARG D 29 8.50 6.05 3.64
N TYR D 30 7.74 6.99 3.09
CA TYR D 30 6.95 7.82 4.00
C TYR D 30 5.73 7.00 4.32
N ASN D 31 5.52 6.79 5.61
CA ASN D 31 4.63 5.75 6.09
C ASN D 31 5.14 4.39 5.63
N ALA D 32 6.18 3.91 6.29
CA ALA D 32 6.75 2.58 6.12
C ALA D 32 6.18 1.64 7.17
N TYR D 33 4.85 1.59 7.17
CA TYR D 33 4.04 0.83 8.11
C TYR D 33 2.94 0.08 7.35
N PRO D 34 3.19 -1.14 6.93
CA PRO D 34 2.17 -1.90 6.19
C PRO D 34 0.95 -2.25 7.03
N SER D 35 -0.24 -2.09 6.44
CA SER D 35 -1.48 -2.47 7.11
C SER D 35 -1.56 -3.98 7.30
N GLU D 36 -2.54 -4.41 8.11
CA GLU D 36 -2.80 -5.84 8.31
C GLU D 36 -2.99 -6.55 6.99
N GLN D 37 -3.73 -5.93 6.07
CA GLN D 37 -3.93 -6.55 4.78
C GLN D 37 -2.62 -6.56 3.99
N GLU D 38 -1.86 -5.46 4.03
CA GLU D 38 -0.54 -5.45 3.43
C GLU D 38 0.39 -6.45 4.12
N LYS D 39 0.40 -6.47 5.46
CA LYS D 39 1.20 -7.44 6.20
C LYS D 39 0.85 -8.87 5.82
N ALA D 40 -0.44 -9.15 5.63
CA ALA D 40 -0.86 -10.48 5.17
C ALA D 40 -0.31 -10.77 3.78
N LEU D 41 -0.37 -9.78 2.89
CA LEU D 41 0.02 -9.96 1.49
C LEU D 41 1.52 -10.21 1.37
N LEU D 42 2.32 -9.67 2.28
CA LEU D 42 3.75 -9.97 2.29
C LEU D 42 4.06 -11.33 2.96
N SER D 43 3.23 -11.75 3.94
CA SER D 43 3.28 -13.12 4.42
C SER D 43 3.06 -14.10 3.27
N GLN D 44 2.06 -13.82 2.44
CA GLN D 44 1.77 -14.70 1.31
C GLN D 44 2.83 -14.58 0.20
N GLN D 45 3.26 -13.36 -0.14
CA GLN D 45 4.23 -13.18 -1.22
C GLN D 45 5.60 -13.75 -0.89
N THR D 46 5.93 -13.89 0.40
CA THR D 46 7.24 -14.38 0.84
C THR D 46 7.21 -15.79 1.41
N HIS D 47 6.03 -16.42 1.54
CA HIS D 47 5.91 -17.73 2.17
C HIS D 47 6.44 -17.66 3.61
N LEU D 48 6.10 -16.55 4.30
CA LEU D 48 6.45 -16.32 5.68
C LEU D 48 5.20 -16.15 6.53
N SER D 49 5.30 -16.52 7.80
CA SER D 49 4.23 -16.26 8.76
C SER D 49 4.06 -14.75 8.88
N THR D 50 2.85 -14.34 9.33
CA THR D 50 2.61 -12.91 9.55
C THR D 50 3.52 -12.36 10.65
N LEU D 51 4.02 -13.22 11.55
CA LEU D 51 4.94 -12.79 12.61
C LEU D 51 6.32 -12.42 12.08
N GLN D 52 6.91 -13.29 11.24
CA GLN D 52 8.27 -13.08 10.79
C GLN D 52 8.43 -11.74 10.13
N VAL D 53 7.39 -11.28 9.43
CA VAL D 53 7.42 -10.00 8.72
C VAL D 53 7.29 -8.81 9.67
N CYS D 54 6.32 -8.88 10.60
CA CYS D 54 6.16 -7.88 11.64
C CYS D 54 7.53 -7.56 12.23
N ASN D 55 8.28 -8.63 12.53
CA ASN D 55 9.60 -8.51 13.12
C ASN D 55 10.57 -7.86 12.15
N TRP D 56 10.66 -8.45 10.97
CA TRP D 56 11.57 -7.97 9.95
C TRP D 56 11.46 -6.47 9.76
N PHE D 57 10.22 -5.96 9.75
CA PHE D 57 10.01 -4.53 9.56
C PHE D 57 10.43 -3.76 10.80
N ILE D 58 10.03 -4.24 11.97
CA ILE D 58 10.43 -3.57 13.21
C ILE D 58 11.92 -3.30 13.22
N ASN D 59 12.72 -4.29 12.76
CA ASN D 59 14.18 -4.17 12.69
C ASN D 59 14.59 -3.29 11.52
N ALA D 60 13.99 -3.54 10.35
CA ALA D 60 14.39 -2.81 9.15
C ALA D 60 14.12 -1.33 9.32
N ARG D 61 13.02 -0.98 9.99
CA ARG D 61 12.75 0.41 10.25
C ARG D 61 13.90 1.04 11.03
N ARG D 62 14.51 0.26 11.93
CA ARG D 62 15.68 0.78 12.63
C ARG D 62 16.88 0.87 11.70
N ARG D 63 17.15 -0.20 10.95
CA ARG D 63 18.44 -0.44 10.32
C ARG D 63 18.53 -0.03 8.85
N LEU D 64 17.45 -0.19 8.09
CA LEU D 64 17.51 0.07 6.65
C LEU D 64 16.91 1.40 6.26
N LEU D 65 15.89 1.89 6.97
CA LEU D 65 15.30 3.17 6.59
C LEU D 65 16.27 4.33 6.73
N PRO D 66 17.01 4.51 7.84
CA PRO D 66 17.96 5.62 7.90
C PRO D 66 18.88 5.67 6.69
N ASP D 67 19.49 4.53 6.34
CA ASP D 67 20.29 4.46 5.12
C ASP D 67 19.47 4.62 3.83
N MET D 68 18.16 4.34 3.86
CA MET D 68 17.38 4.47 2.61
C MET D 68 16.89 5.88 2.37
N LEU D 69 16.58 6.63 3.43
CA LEU D 69 16.16 8.01 3.28
C LEU D 69 17.27 8.94 2.81
N ARG D 70 18.52 8.49 2.79
CA ARG D 70 19.58 9.35 2.30
C ARG D 70 19.48 9.53 0.79
N LYS D 71 18.37 10.14 0.34
CA LYS D 71 18.12 10.41 -1.08
C LYS D 71 17.25 11.66 -1.21
N ALA G 9 -22.23 10.23 -19.04
CA ALA G 9 -23.16 10.67 -18.01
C ALA G 9 -23.30 9.65 -16.89
N ALA G 10 -22.26 8.81 -16.73
CA ALA G 10 -22.29 7.71 -15.77
C ALA G 10 -22.70 8.19 -14.39
N GLY G 11 -23.52 7.38 -13.71
CA GLY G 11 -24.02 7.74 -12.40
C GLY G 11 -22.95 7.67 -11.32
N ASN G 12 -23.25 8.29 -10.17
CA ASN G 12 -22.31 8.32 -9.06
C ASN G 12 -21.90 6.90 -8.65
N LEU G 13 -20.75 6.82 -8.03
CA LEU G 13 -20.10 5.57 -7.66
C LEU G 13 -20.73 4.92 -6.41
N PRO G 14 -20.61 3.59 -6.28
CA PRO G 14 -21.06 2.91 -5.05
C PRO G 14 -20.47 3.51 -3.77
N LYS G 15 -21.37 3.85 -2.84
CA LYS G 15 -20.98 4.44 -1.58
C LYS G 15 -19.97 3.59 -0.82
N GLU G 16 -20.08 2.26 -0.92
CA GLU G 16 -19.14 1.42 -0.18
C GLU G 16 -17.76 1.43 -0.84
N SER G 17 -17.72 1.47 -2.17
CA SER G 17 -16.46 1.56 -2.87
C SER G 17 -15.75 2.89 -2.63
N VAL G 18 -16.47 4.01 -2.68
CA VAL G 18 -15.82 5.29 -2.44
C VAL G 18 -15.31 5.36 -1.00
N GLN G 19 -16.02 4.75 -0.05
CA GLN G 19 -15.50 4.72 1.31
C GLN G 19 -14.24 3.87 1.37
N ILE G 20 -14.22 2.79 0.59
CA ILE G 20 -13.04 1.91 0.51
C ILE G 20 -11.84 2.71 -0.02
N LEU G 21 -12.05 3.43 -1.12
CA LEU G 21 -11.02 4.28 -1.69
C LEU G 21 -10.68 5.44 -0.77
N ARG G 22 -11.71 6.15 -0.27
CA ARG G 22 -11.50 7.27 0.65
C ARG G 22 -10.66 6.84 1.83
N ASP G 23 -10.88 5.62 2.33
CA ASP G 23 -10.09 5.14 3.46
C ASP G 23 -8.65 4.85 3.04
N TRP G 24 -8.48 4.07 1.95
CA TRP G 24 -7.14 3.82 1.39
C TRP G 24 -6.39 5.13 1.24
N LEU G 25 -7.09 6.14 0.69
CA LEU G 25 -6.49 7.44 0.52
C LEU G 25 -6.01 7.97 1.86
N TYR G 26 -6.89 7.93 2.88
CA TYR G 26 -6.54 8.35 4.22
C TYR G 26 -5.41 7.50 4.78
N GLU G 27 -5.50 6.17 4.63
CA GLU G 27 -4.45 5.28 5.10
C GLU G 27 -3.09 5.57 4.44
N HIS G 28 -3.07 6.14 3.22
CA HIS G 28 -1.82 6.49 2.54
C HIS G 28 -1.81 7.95 2.18
N ARG G 29 -2.28 8.83 3.06
CA ARG G 29 -2.46 10.22 2.63
C ARG G 29 -1.13 10.91 2.36
N TYR G 30 -0.05 10.47 3.01
CA TYR G 30 1.28 11.01 2.70
C TYR G 30 2.01 10.26 1.61
N ASN G 31 1.27 9.84 0.58
CA ASN G 31 1.75 9.10 -0.59
C ASN G 31 0.55 8.43 -1.25
N ALA G 32 -0.31 9.24 -1.86
CA ALA G 32 -1.52 8.77 -2.52
C ALA G 32 -1.23 8.30 -3.95
N TYR G 33 -0.32 7.32 -4.06
CA TYR G 33 0.06 6.76 -5.36
C TYR G 33 0.02 5.25 -5.28
N PRO G 34 -1.15 4.64 -5.49
CA PRO G 34 -1.24 3.18 -5.47
C PRO G 34 -0.50 2.59 -6.67
N SER G 35 0.30 1.57 -6.38
CA SER G 35 1.03 0.80 -7.34
C SER G 35 0.09 0.07 -8.29
N GLU G 36 0.67 -0.61 -9.28
CA GLU G 36 -0.13 -1.43 -10.19
C GLU G 36 -0.98 -2.44 -9.43
N GLN G 37 -0.38 -3.12 -8.43
CA GLN G 37 -1.05 -4.15 -7.63
C GLN G 37 -1.98 -3.56 -6.57
N GLU G 38 -1.59 -2.45 -5.93
CA GLU G 38 -2.53 -1.76 -5.07
C GLU G 38 -3.73 -1.26 -5.87
N LYS G 39 -3.48 -0.70 -7.06
CA LYS G 39 -4.59 -0.39 -7.96
C LYS G 39 -5.38 -1.64 -8.27
N ALA G 40 -4.69 -2.76 -8.48
CA ALA G 40 -5.37 -4.03 -8.71
C ALA G 40 -6.17 -4.47 -7.48
N LEU G 41 -5.55 -4.42 -6.30
CA LEU G 41 -6.23 -4.86 -5.08
C LEU G 41 -7.46 -4.02 -4.82
N LEU G 42 -7.41 -2.74 -5.19
CA LEU G 42 -8.56 -1.87 -5.00
C LEU G 42 -9.65 -2.11 -6.04
N SER G 43 -9.28 -2.51 -7.27
CA SER G 43 -10.28 -2.85 -8.27
C SER G 43 -11.18 -3.96 -7.78
N GLN G 44 -10.57 -5.06 -7.35
CA GLN G 44 -11.31 -6.24 -6.95
C GLN G 44 -12.14 -5.94 -5.71
N GLN G 45 -11.59 -5.14 -4.81
CA GLN G 45 -12.33 -4.72 -3.62
C GLN G 45 -13.50 -3.80 -3.97
N THR G 46 -13.39 -3.06 -5.08
CA THR G 46 -14.41 -2.10 -5.44
C THR G 46 -15.26 -2.55 -6.59
N HIS G 47 -14.87 -3.62 -7.27
CA HIS G 47 -15.52 -4.10 -8.48
C HIS G 47 -15.50 -2.99 -9.52
N LEU G 48 -14.41 -2.22 -9.52
CA LEU G 48 -14.24 -1.13 -10.47
C LEU G 48 -12.99 -1.33 -11.30
N SER G 49 -13.11 -0.90 -12.56
CA SER G 49 -12.01 -0.94 -13.52
C SER G 49 -10.85 -0.08 -13.06
N THR G 50 -9.65 -0.47 -13.49
CA THR G 50 -8.45 0.32 -13.19
C THR G 50 -8.49 1.70 -13.82
N LEU G 51 -9.29 1.90 -14.88
CA LEU G 51 -9.49 3.24 -15.41
C LEU G 51 -10.28 4.07 -14.40
N GLN G 52 -11.31 3.47 -13.82
CA GLN G 52 -12.06 4.12 -12.74
C GLN G 52 -11.16 4.41 -11.53
N VAL G 53 -10.26 3.49 -11.19
CA VAL G 53 -9.38 3.67 -10.04
C VAL G 53 -8.23 4.63 -10.36
N CYS G 54 -7.56 4.48 -11.52
CA CYS G 54 -6.60 5.50 -11.96
C CYS G 54 -7.24 6.88 -11.91
N ASN G 55 -8.45 7.00 -12.46
CA ASN G 55 -9.13 8.29 -12.48
C ASN G 55 -9.55 8.74 -11.08
N TRP G 56 -10.32 7.90 -10.36
CA TRP G 56 -10.77 8.29 -9.03
C TRP G 56 -9.61 8.81 -8.19
N PHE G 57 -8.42 8.24 -8.39
CA PHE G 57 -7.24 8.75 -7.68
C PHE G 57 -6.78 10.08 -8.28
N ILE G 58 -6.70 10.17 -9.62
CA ILE G 58 -6.41 11.44 -10.28
C ILE G 58 -7.34 12.55 -9.78
N ASN G 59 -8.62 12.23 -9.59
CA ASN G 59 -9.57 13.22 -9.11
C ASN G 59 -9.38 13.53 -7.65
N ALA G 60 -9.42 12.49 -6.80
CA ALA G 60 -9.41 12.69 -5.35
C ALA G 60 -8.16 13.40 -4.89
N ARG G 61 -7.02 13.12 -5.55
CA ARG G 61 -5.76 13.76 -5.18
C ARG G 61 -5.87 15.28 -5.28
N ARG G 62 -6.55 15.81 -6.33
CA ARG G 62 -6.79 17.26 -6.46
C ARG G 62 -7.91 17.77 -5.56
N ARG G 63 -8.99 16.97 -5.37
CA ARG G 63 -10.25 17.44 -4.79
C ARG G 63 -10.48 17.02 -3.32
N LEU G 64 -9.98 15.85 -2.89
CA LEU G 64 -10.19 15.35 -1.53
C LEU G 64 -8.94 15.27 -0.65
N LEU G 65 -7.77 14.96 -1.23
CA LEU G 65 -6.53 14.82 -0.44
C LEU G 65 -6.11 16.10 0.25
N PRO G 66 -6.15 17.30 -0.38
CA PRO G 66 -5.83 18.53 0.36
C PRO G 66 -6.58 18.66 1.68
N ASP G 67 -7.91 18.49 1.66
CA ASP G 67 -8.67 18.60 2.90
C ASP G 67 -8.16 17.59 3.94
N MET G 68 -7.48 16.54 3.49
CA MET G 68 -6.97 15.51 4.39
C MET G 68 -5.60 15.89 4.97
N LEU G 69 -4.64 16.22 4.12
CA LEU G 69 -3.31 16.65 4.56
C LEU G 69 -3.36 17.92 5.39
N ARG G 70 -4.49 18.62 5.43
CA ARG G 70 -4.68 19.74 6.32
C ARG G 70 -4.97 19.31 7.76
N LYS G 71 -5.26 18.02 7.95
CA LYS G 71 -5.66 17.41 9.24
C LYS G 71 -7.16 17.69 9.41
N GLY H 11 11.43 -2.34 -29.84
CA GLY H 11 10.33 -2.71 -30.72
C GLY H 11 9.62 -1.51 -31.32
N ASN H 12 9.97 -1.19 -32.57
CA ASN H 12 9.61 0.06 -33.23
C ASN H 12 8.49 -0.09 -34.25
N LEU H 13 7.83 1.02 -34.55
CA LEU H 13 6.71 0.95 -35.46
C LEU H 13 7.17 0.78 -36.89
N PRO H 14 6.39 0.10 -37.71
CA PRO H 14 6.67 -0.03 -39.14
C PRO H 14 6.86 1.32 -39.82
N LYS H 15 7.92 1.43 -40.64
CA LYS H 15 8.20 2.68 -41.36
C LYS H 15 7.00 3.16 -42.17
N GLU H 16 6.22 2.24 -42.76
CA GLU H 16 5.07 2.62 -43.58
C GLU H 16 3.92 3.09 -42.71
N SER H 17 3.76 2.46 -41.54
CA SER H 17 2.77 2.93 -40.58
C SER H 17 3.13 4.33 -40.09
N VAL H 18 4.40 4.54 -39.75
CA VAL H 18 4.87 5.87 -39.42
C VAL H 18 4.82 6.76 -40.68
N GLN H 19 5.00 6.17 -41.87
CA GLN H 19 4.93 6.97 -43.08
C GLN H 19 3.53 7.54 -43.29
N ILE H 20 2.49 6.72 -43.11
CA ILE H 20 1.12 7.21 -43.22
C ILE H 20 0.84 8.31 -42.20
N LEU H 21 1.20 8.07 -40.94
CA LEU H 21 0.94 9.04 -39.88
C LEU H 21 1.74 10.32 -40.08
N ARG H 22 3.04 10.20 -40.38
CA ARG H 22 3.84 11.38 -40.71
C ARG H 22 3.25 12.12 -41.91
N ASP H 23 2.78 11.37 -42.92
CA ASP H 23 2.24 11.99 -44.13
C ASP H 23 0.97 12.76 -43.78
N TRP H 24 0.03 12.06 -43.13
CA TRP H 24 -1.15 12.71 -42.59
C TRP H 24 -0.78 13.91 -41.71
N LEU H 25 0.21 13.72 -40.81
CA LEU H 25 0.55 14.79 -39.89
C LEU H 25 0.89 16.06 -40.66
N TYR H 26 1.75 15.92 -41.69
CA TYR H 26 2.14 17.08 -42.48
C TYR H 26 0.96 17.73 -43.20
N GLU H 27 0.14 16.92 -43.90
CA GLU H 27 -0.99 17.45 -44.66
C GLU H 27 -1.95 18.25 -43.78
N HIS H 28 -1.93 18.02 -42.46
CA HIS H 28 -2.76 18.78 -41.53
C HIS H 28 -1.91 19.52 -40.49
N ARG H 29 -0.83 20.17 -40.91
CA ARG H 29 0.11 20.73 -39.93
C ARG H 29 -0.48 21.92 -39.16
N TYR H 30 -1.39 22.70 -39.76
CA TYR H 30 -1.96 23.85 -39.06
C TYR H 30 -3.21 23.51 -38.22
N ASN H 31 -3.41 22.23 -37.90
CA ASN H 31 -4.45 21.80 -37.00
C ASN H 31 -3.78 20.71 -36.17
N ALA H 32 -3.67 19.50 -36.76
CA ALA H 32 -2.98 18.31 -36.22
C ALA H 32 -3.67 17.68 -35.00
N TYR H 33 -5.00 17.57 -35.05
CA TYR H 33 -5.80 16.94 -34.01
C TYR H 33 -6.86 16.12 -34.73
N PRO H 34 -6.57 14.86 -35.05
CA PRO H 34 -7.56 14.04 -35.77
C PRO H 34 -8.82 13.79 -34.96
N SER H 35 -9.96 13.88 -35.64
CA SER H 35 -11.22 13.56 -35.01
C SER H 35 -11.20 12.09 -34.56
N GLU H 36 -12.18 11.74 -33.72
CA GLU H 36 -12.31 10.34 -33.36
C GLU H 36 -12.44 9.47 -34.62
N GLN H 37 -13.21 9.96 -35.62
CA GLN H 37 -13.45 9.19 -36.84
C GLN H 37 -12.21 9.09 -37.72
N GLU H 38 -11.39 10.15 -37.79
CA GLU H 38 -10.12 10.06 -38.51
C GLU H 38 -9.19 9.02 -37.88
N LYS H 39 -9.08 9.06 -36.54
CA LYS H 39 -8.20 8.14 -35.83
C LYS H 39 -8.52 6.68 -36.15
N ALA H 40 -9.81 6.36 -36.24
CA ALA H 40 -10.24 5.00 -36.61
C ALA H 40 -9.78 4.65 -38.02
N LEU H 41 -9.87 5.60 -38.96
CA LEU H 41 -9.42 5.35 -40.32
C LEU H 41 -7.90 5.21 -40.38
N LEU H 42 -7.18 5.95 -39.52
CA LEU H 42 -5.74 5.81 -39.43
C LEU H 42 -5.31 4.55 -38.70
N SER H 43 -6.07 4.10 -37.70
CA SER H 43 -5.82 2.79 -37.12
C SER H 43 -5.87 1.70 -38.18
N GLN H 44 -6.97 1.63 -38.95
CA GLN H 44 -7.13 0.53 -39.89
C GLN H 44 -6.13 0.61 -41.04
N GLN H 45 -5.80 1.83 -41.49
CA GLN H 45 -4.80 2.03 -42.56
C GLN H 45 -3.42 1.56 -42.14
N THR H 46 -3.13 1.60 -40.83
CA THR H 46 -1.82 1.27 -40.31
C THR H 46 -1.80 -0.03 -39.52
N HIS H 47 -2.98 -0.64 -39.26
CA HIS H 47 -3.08 -1.87 -38.47
C HIS H 47 -2.49 -1.66 -37.09
N LEU H 48 -2.80 -0.51 -36.51
CA LEU H 48 -2.39 -0.09 -35.19
C LEU H 48 -3.60 0.04 -34.30
N SER H 49 -3.39 -0.13 -33.00
CA SER H 49 -4.41 0.22 -32.04
C SER H 49 -4.66 1.71 -32.15
N THR H 50 -5.85 2.12 -31.74
CA THR H 50 -6.13 3.54 -31.69
C THR H 50 -5.29 4.25 -30.62
N LEU H 51 -4.84 3.51 -29.59
CA LEU H 51 -3.94 4.08 -28.58
C LEU H 51 -2.57 4.43 -29.15
N GLN H 52 -1.95 3.50 -29.88
CA GLN H 52 -0.64 3.76 -30.47
C GLN H 52 -0.69 4.99 -31.35
N VAL H 53 -1.82 5.21 -31.99
CA VAL H 53 -2.02 6.40 -32.81
C VAL H 53 -2.19 7.64 -31.93
N CYS H 54 -3.04 7.54 -30.89
CA CYS H 54 -3.14 8.62 -29.91
C CYS H 54 -1.77 8.99 -29.37
N ASN H 55 -0.99 7.98 -29.03
CA ASN H 55 0.34 8.27 -28.50
C ASN H 55 1.23 8.84 -29.58
N TRP H 56 1.32 8.12 -30.71
CA TRP H 56 2.14 8.59 -31.81
C TRP H 56 1.89 10.06 -32.09
N PHE H 57 0.63 10.47 -32.03
CA PHE H 57 0.27 11.86 -32.25
C PHE H 57 0.63 12.73 -31.07
N ILE H 58 0.30 12.26 -29.85
CA ILE H 58 0.71 13.01 -28.67
C ILE H 58 2.19 13.31 -28.75
N ASN H 59 2.98 12.31 -29.16
CA ASN H 59 4.44 12.44 -29.27
C ASN H 59 4.82 13.27 -30.49
N ALA H 60 4.25 12.96 -31.66
CA ALA H 60 4.60 13.67 -32.89
C ALA H 60 4.24 15.14 -32.77
N ARG H 61 3.11 15.45 -32.14
CA ARG H 61 2.75 16.85 -31.93
C ARG H 61 3.86 17.56 -31.16
N ARG H 62 4.53 16.83 -30.26
CA ARG H 62 5.63 17.35 -29.47
C ARG H 62 6.89 17.50 -30.30
N ARG H 63 7.27 16.42 -31.01
CA ARG H 63 8.63 16.20 -31.53
C ARG H 63 8.78 16.52 -33.01
N LEU H 64 7.74 16.29 -33.83
CA LEU H 64 7.81 16.50 -35.28
C LEU H 64 7.14 17.79 -35.74
N LEU H 65 6.15 18.32 -34.99
CA LEU H 65 5.44 19.51 -35.45
C LEU H 65 6.33 20.74 -35.58
N PRO H 66 7.14 21.11 -34.58
CA PRO H 66 8.08 22.25 -34.79
C PRO H 66 9.01 22.10 -35.98
N ASP H 67 9.61 20.92 -36.16
CA ASP H 67 10.48 20.67 -37.29
C ASP H 67 9.77 20.93 -38.61
N MET H 68 8.46 20.90 -38.61
CA MET H 68 7.64 21.18 -39.77
C MET H 68 7.42 22.71 -39.81
N LEU H 69 6.35 23.15 -40.48
CA LEU H 69 5.93 24.56 -40.55
C LEU H 69 7.05 25.60 -40.56
N ARG H 70 8.21 25.27 -41.13
CA ARG H 70 9.25 26.28 -41.34
C ARG H 70 8.88 27.08 -42.59
N LYS H 71 9.26 26.54 -43.74
CA LYS H 71 8.99 27.12 -45.05
C LYS H 71 9.43 28.57 -45.17
CL CL I . -3.79 -8.96 46.83
#